data_3SCH
#
_entry.id   3SCH
#
_cell.length_a   86.120
_cell.length_b   86.120
_cell.length_c   219.056
_cell.angle_alpha   90.00
_cell.angle_beta   90.00
_cell.angle_gamma   120.00
#
_symmetry.space_group_name_H-M   'P 65 2 2'
#
loop_
_entity.id
_entity.type
_entity.pdbx_description
1 polymer Epoxidase
2 non-polymer '[(2R)-2-hydroxypropyl]phosphonic acid'
3 non-polymer 'COBALT (II) ION'
4 water water
#
_entity_poly.entity_id   1
_entity_poly.type   'polypeptide(L)'
_entity_poly.pdbx_seq_one_letter_code
;(MSE)SNTKTASTGFAELLKDRREQVK(MSE)DHAALASLLGETPETVAAWENGEGGELTLTQLGRIAHVLGTSIGALTP
PAGNDLDDGVIIQ(MSE)PDERPILKGVRDNVDYYVYNCLVRTKRAPSLVPLVVDVLTDNPDDAKFNSGHAGNEFLFVLE
GEIH(MSE)KWGDKENPKEALLPTGAS(MSE)FVEEHVPHAFTAAKGTGSAKLIAVNF
;
_entity_poly.pdbx_strand_id   A,B
#
loop_
_chem_comp.id
_chem_comp.type
_chem_comp.name
_chem_comp.formula
CO non-polymer 'COBALT (II) ION' 'Co 2'
TB6 non-polymer '[(2R)-2-hydroxypropyl]phosphonic acid' 'C3 H9 O4 P'
#
# COMPACT_ATOMS: atom_id res chain seq x y z
N LYS A 5 10.56 10.23 1.38
CA LYS A 5 11.52 9.12 1.11
C LYS A 5 11.46 8.64 -0.33
N THR A 6 12.58 8.76 -1.04
CA THR A 6 12.69 8.35 -2.45
C THR A 6 12.39 6.86 -2.63
N ALA A 7 12.06 6.47 -3.86
CA ALA A 7 11.72 5.08 -4.20
C ALA A 7 12.75 4.04 -3.76
N SER A 8 13.99 4.17 -4.20
CA SER A 8 15.04 3.23 -3.86
C SER A 8 15.48 3.22 -2.40
N THR A 9 15.43 4.38 -1.75
CA THR A 9 15.80 4.49 -0.34
C THR A 9 14.69 3.93 0.52
N GLY A 10 13.45 4.22 0.14
CA GLY A 10 12.33 3.70 0.88
C GLY A 10 12.29 2.20 0.70
N PHE A 11 12.48 1.74 -0.54
CA PHE A 11 12.47 0.31 -0.82
C PHE A 11 13.55 -0.36 0.01
N ALA A 12 14.75 0.21 0.00
CA ALA A 12 15.86 -0.33 0.75
C ALA A 12 15.51 -0.59 2.21
N GLU A 13 14.87 0.38 2.84
CA GLU A 13 14.48 0.25 4.24
C GLU A 13 13.38 -0.78 4.47
N LEU A 14 12.38 -0.77 3.61
CA LEU A 14 11.24 -1.67 3.77
C LEU A 14 11.59 -3.11 3.43
N LEU A 15 12.44 -3.29 2.43
CA LEU A 15 12.87 -4.63 2.04
C LEU A 15 13.55 -5.23 3.26
N LYS A 16 14.50 -4.51 3.83
CA LYS A 16 15.20 -5.01 4.99
C LYS A 16 14.25 -5.31 6.14
N ASP A 17 13.31 -4.39 6.41
CA ASP A 17 12.32 -4.63 7.47
C ASP A 17 11.56 -5.94 7.23
N ARG A 18 11.04 -6.10 6.01
CA ARG A 18 10.28 -7.30 5.68
C ARG A 18 11.12 -8.56 5.76
N ARG A 19 12.32 -8.52 5.20
CA ARG A 19 13.19 -9.70 5.24
C ARG A 19 13.44 -10.13 6.69
N GLU A 20 13.75 -9.17 7.55
CA GLU A 20 13.99 -9.46 8.96
C GLU A 20 12.71 -9.95 9.63
N GLN A 21 11.59 -9.39 9.22
CA GLN A 21 10.30 -9.77 9.77
C GLN A 21 10.02 -11.26 9.55
N VAL A 22 10.42 -11.80 8.39
CA VAL A 22 10.18 -13.22 8.14
C VAL A 22 11.41 -14.09 8.42
N LYS A 23 12.27 -13.58 9.30
CA LYS A 23 13.50 -14.25 9.72
C LYS A 23 14.39 -14.80 8.61
N MSE A 24 14.60 -14.03 7.55
CA MSE A 24 15.48 -14.48 6.48
C MSE A 24 16.77 -13.67 6.48
O MSE A 24 16.76 -12.50 6.84
CB MSE A 24 14.83 -14.30 5.11
CG MSE A 24 13.88 -15.39 4.68
SE MSE A 24 13.27 -14.96 2.90
CE MSE A 24 11.51 -15.74 3.02
N ASP A 25 17.87 -14.29 6.06
CA ASP A 25 19.12 -13.57 5.98
C ASP A 25 19.30 -13.28 4.48
N HIS A 26 20.31 -12.52 4.09
CA HIS A 26 20.46 -12.20 2.67
C HIS A 26 20.51 -13.43 1.78
N ALA A 27 21.21 -14.46 2.24
CA ALA A 27 21.37 -15.70 1.49
C ALA A 27 20.03 -16.35 1.17
N ALA A 28 19.21 -16.55 2.20
CA ALA A 28 17.91 -17.17 2.01
C ALA A 28 17.10 -16.41 0.96
N LEU A 29 17.02 -15.08 1.09
CA LEU A 29 16.25 -14.31 0.13
C LEU A 29 16.85 -14.41 -1.28
N ALA A 30 18.16 -14.27 -1.39
CA ALA A 30 18.80 -14.37 -2.69
C ALA A 30 18.48 -15.69 -3.38
N SER A 31 18.53 -16.79 -2.62
CA SER A 31 18.25 -18.12 -3.17
C SER A 31 16.89 -18.21 -3.85
N LEU A 32 15.98 -17.35 -3.46
CA LEU A 32 14.65 -17.38 -4.03
C LEU A 32 14.46 -16.43 -5.20
N LEU A 33 15.51 -15.69 -5.54
CA LEU A 33 15.37 -14.69 -6.59
C LEU A 33 16.41 -14.67 -7.70
N GLY A 34 17.21 -15.71 -7.81
CA GLY A 34 18.20 -15.73 -8.88
C GLY A 34 19.26 -14.64 -8.76
N GLU A 35 19.61 -14.27 -7.53
CA GLU A 35 20.64 -13.25 -7.26
C GLU A 35 21.58 -13.79 -6.20
N THR A 36 22.69 -13.08 -5.99
CA THR A 36 23.68 -13.41 -4.99
C THR A 36 23.27 -12.69 -3.71
N PRO A 37 23.79 -13.12 -2.55
CA PRO A 37 23.36 -12.38 -1.36
C PRO A 37 23.93 -10.96 -1.38
N GLU A 38 25.05 -10.79 -2.07
CA GLU A 38 25.67 -9.46 -2.18
C GLU A 38 24.74 -8.50 -2.94
N THR A 39 24.05 -9.04 -3.94
CA THR A 39 23.11 -8.23 -4.71
C THR A 39 21.95 -7.80 -3.81
N VAL A 40 21.52 -8.70 -2.94
CA VAL A 40 20.41 -8.38 -2.04
C VAL A 40 20.86 -7.30 -1.06
N ALA A 41 22.08 -7.43 -0.54
CA ALA A 41 22.62 -6.46 0.41
C ALA A 41 22.68 -5.09 -0.27
N ALA A 42 23.03 -5.09 -1.55
CA ALA A 42 23.10 -3.84 -2.31
C ALA A 42 21.74 -3.17 -2.36
N TRP A 43 20.67 -3.93 -2.62
CA TRP A 43 19.33 -3.36 -2.67
C TRP A 43 18.99 -2.65 -1.36
N GLU A 44 19.40 -3.27 -0.25
CA GLU A 44 19.15 -2.71 1.07
C GLU A 44 20.10 -1.55 1.35
N ASN A 45 20.98 -1.27 0.40
CA ASN A 45 21.90 -0.17 0.52
C ASN A 45 21.44 0.89 -0.47
N GLY A 46 20.20 0.76 -0.94
CA GLY A 46 19.65 1.74 -1.85
C GLY A 46 19.95 1.59 -3.34
N GLU A 47 20.46 0.45 -3.73
CA GLU A 47 20.80 0.26 -5.14
C GLU A 47 19.75 -0.55 -5.94
N GLY A 48 18.48 -0.51 -5.52
CA GLY A 48 17.45 -1.25 -6.21
C GLY A 48 16.69 -0.45 -7.25
N GLY A 49 17.15 0.76 -7.51
CA GLY A 49 16.48 1.63 -8.46
C GLY A 49 16.14 1.09 -9.83
N GLU A 50 16.93 0.16 -10.34
CA GLU A 50 16.70 -0.41 -11.68
C GLU A 50 15.85 -1.71 -11.70
N LEU A 51 15.42 -2.17 -10.55
CA LEU A 51 14.59 -3.36 -10.50
C LEU A 51 13.30 -3.06 -11.25
N THR A 52 12.87 -4.02 -12.07
CA THR A 52 11.65 -3.84 -12.83
C THR A 52 10.40 -4.16 -12.02
N LEU A 53 9.26 -3.71 -12.53
CA LEU A 53 7.97 -3.96 -11.92
C LEU A 53 7.82 -5.46 -11.76
N THR A 54 8.19 -6.22 -12.79
CA THR A 54 8.10 -7.67 -12.72
C THR A 54 8.98 -8.24 -11.62
N GLN A 55 10.23 -7.76 -11.53
CA GLN A 55 11.12 -8.23 -10.48
C GLN A 55 10.60 -7.86 -9.09
N LEU A 56 10.03 -6.66 -8.94
CA LEU A 56 9.50 -6.23 -7.63
C LEU A 56 8.33 -7.14 -7.27
N GLY A 57 7.57 -7.55 -8.27
CA GLY A 57 6.43 -8.43 -8.03
C GLY A 57 6.92 -9.78 -7.50
N ARG A 58 8.04 -10.24 -8.01
CA ARG A 58 8.59 -11.50 -7.54
C ARG A 58 9.16 -11.34 -6.13
N ILE A 59 9.80 -10.18 -5.87
CA ILE A 59 10.36 -9.93 -4.54
C ILE A 59 9.22 -9.94 -3.51
N ALA A 60 8.15 -9.23 -3.81
CA ALA A 60 7.01 -9.18 -2.91
C ALA A 60 6.43 -10.59 -2.70
N HIS A 61 6.36 -11.35 -3.78
CA HIS A 61 5.81 -12.70 -3.71
C HIS A 61 6.56 -13.63 -2.77
N VAL A 62 7.87 -13.78 -2.97
CA VAL A 62 8.62 -14.69 -2.12
C VAL A 62 8.63 -14.23 -0.66
N LEU A 63 8.41 -12.93 -0.44
CA LEU A 63 8.38 -12.39 0.92
C LEU A 63 6.95 -12.40 1.43
N GLY A 64 6.07 -13.06 0.68
CA GLY A 64 4.68 -13.19 1.06
C GLY A 64 3.90 -11.91 1.33
N THR A 65 4.14 -10.88 0.52
CA THR A 65 3.44 -9.61 0.74
C THR A 65 3.24 -8.87 -0.60
N SER A 66 2.94 -7.59 -0.56
CA SER A 66 2.68 -6.80 -1.78
C SER A 66 3.81 -5.81 -2.09
N ILE A 67 3.86 -5.32 -3.33
CA ILE A 67 4.86 -4.32 -3.69
C ILE A 67 4.63 -3.08 -2.82
N GLY A 68 3.37 -2.76 -2.58
CA GLY A 68 3.04 -1.60 -1.76
C GLY A 68 3.67 -1.64 -0.37
N ALA A 69 3.73 -2.84 0.21
CA ALA A 69 4.30 -3.01 1.54
C ALA A 69 5.80 -2.82 1.51
N LEU A 70 6.39 -2.83 0.33
CA LEU A 70 7.84 -2.65 0.21
C LEU A 70 8.26 -1.29 -0.39
N THR A 71 7.30 -0.40 -0.63
CA THR A 71 7.62 0.91 -1.19
C THR A 71 7.10 2.02 -0.28
N PRO A 72 7.77 3.18 -0.27
CA PRO A 72 7.34 4.28 0.59
C PRO A 72 5.99 4.91 0.28
N PRO A 73 5.44 5.67 1.24
CA PRO A 73 4.16 6.31 0.99
C PRO A 73 4.38 7.39 -0.06
N ALA A 74 3.31 7.99 -0.54
CA ALA A 74 3.42 9.02 -1.56
C ALA A 74 4.38 10.16 -1.24
N GLY A 75 4.48 10.55 0.03
CA GLY A 75 5.40 11.64 0.36
C GLY A 75 4.75 12.86 0.98
N ASN A 76 5.56 13.85 1.35
CA ASN A 76 5.03 15.06 2.00
C ASN A 76 5.39 16.31 1.19
N ASP A 77 4.37 16.95 0.63
CA ASP A 77 4.53 18.14 -0.18
C ASP A 77 3.91 19.36 0.51
N LEU A 78 3.76 19.25 1.83
CA LEU A 78 3.15 20.31 2.60
C LEU A 78 4.18 21.27 3.20
N ASP A 79 3.68 22.44 3.56
CA ASP A 79 4.44 23.50 4.18
C ASP A 79 3.89 23.56 5.59
N ASP A 80 4.54 22.88 6.53
CA ASP A 80 4.06 22.84 7.90
C ASP A 80 2.58 22.46 7.94
N GLY A 81 2.23 21.43 7.20
CA GLY A 81 0.85 20.94 7.21
C GLY A 81 -0.13 21.57 6.25
N VAL A 82 0.33 22.52 5.44
CA VAL A 82 -0.55 23.17 4.49
C VAL A 82 0.02 23.23 3.08
N ILE A 83 -0.87 23.22 2.08
CA ILE A 83 -0.46 23.37 0.70
C ILE A 83 -1.55 24.24 0.06
N ILE A 84 -1.11 25.25 -0.68
CA ILE A 84 -1.99 26.21 -1.31
C ILE A 84 -1.83 26.21 -2.81
N GLN A 85 -2.91 26.48 -3.53
CA GLN A 85 -2.84 26.58 -4.97
C GLN A 85 -3.51 27.89 -5.40
N MSE A 86 -2.77 28.73 -6.13
CA MSE A 86 -3.30 30.01 -6.61
C MSE A 86 -4.19 29.71 -7.80
O MSE A 86 -3.99 28.73 -8.52
CB MSE A 86 -2.16 30.96 -7.02
CG MSE A 86 -1.30 31.41 -5.86
SE MSE A 86 -2.33 32.29 -4.46
CE MSE A 86 -1.17 32.00 -2.96
N PRO A 87 -5.21 30.56 -8.03
CA PRO A 87 -6.18 30.40 -9.12
C PRO A 87 -5.67 30.17 -10.53
N ASP A 88 -4.63 30.88 -10.94
CA ASP A 88 -4.11 30.72 -12.29
C ASP A 88 -3.12 29.58 -12.52
N GLU A 89 -2.84 28.81 -11.49
CA GLU A 89 -1.93 27.67 -11.63
C GLU A 89 -2.79 26.40 -11.56
N ARG A 90 -4.07 26.59 -11.90
CA ARG A 90 -5.07 25.51 -11.89
C ARG A 90 -5.12 24.73 -13.19
N PRO A 91 -4.92 23.39 -13.12
CA PRO A 91 -4.95 22.52 -14.30
C PRO A 91 -6.33 22.54 -14.98
N ILE A 92 -6.36 22.20 -16.26
CA ILE A 92 -7.62 22.18 -17.00
C ILE A 92 -7.61 21.12 -18.09
N LEU A 93 -8.52 20.15 -17.99
CA LEU A 93 -8.64 19.06 -18.96
C LEU A 93 -10.05 19.00 -19.53
N LYS A 94 -10.18 18.47 -20.75
CA LYS A 94 -11.49 18.36 -21.41
C LYS A 94 -12.15 17.00 -21.21
N GLY A 95 -13.24 16.99 -20.45
CA GLY A 95 -13.95 15.75 -20.20
C GLY A 95 -14.91 15.43 -21.35
N VAL A 96 -14.46 14.59 -22.27
CA VAL A 96 -15.27 14.20 -23.41
C VAL A 96 -15.89 12.82 -23.22
N ARG A 97 -17.21 12.74 -23.32
CA ARG A 97 -17.93 11.47 -23.16
C ARG A 97 -18.82 11.20 -24.37
N ASP A 98 -18.49 10.14 -25.10
CA ASP A 98 -19.23 9.73 -26.31
C ASP A 98 -18.87 10.60 -27.51
N ASN A 99 -17.60 10.97 -27.62
CA ASN A 99 -17.10 11.64 -28.82
C ASN A 99 -17.58 13.09 -28.88
N VAL A 100 -18.20 13.53 -27.78
CA VAL A 100 -18.70 14.89 -27.69
C VAL A 100 -18.29 15.47 -26.35
N ASP A 101 -17.98 16.77 -26.31
CA ASP A 101 -17.54 17.39 -25.06
C ASP A 101 -18.65 17.46 -24.00
N TYR A 102 -18.32 17.08 -22.77
CA TYR A 102 -19.28 17.14 -21.65
C TYR A 102 -18.90 18.11 -20.51
N TYR A 103 -17.64 18.06 -20.09
CA TYR A 103 -17.16 18.79 -18.93
C TYR A 103 -15.81 19.47 -19.20
N VAL A 104 -15.56 20.58 -18.51
CA VAL A 104 -14.30 21.30 -18.61
C VAL A 104 -13.85 21.38 -17.16
N TYR A 105 -12.88 20.55 -16.81
CA TYR A 105 -12.37 20.49 -15.45
C TYR A 105 -11.27 21.48 -15.11
N ASN A 106 -11.45 22.17 -14.00
CA ASN A 106 -10.49 23.13 -13.51
C ASN A 106 -9.99 22.55 -12.18
N CYS A 107 -8.84 21.89 -12.24
CA CYS A 107 -8.23 21.24 -11.07
C CYS A 107 -7.78 22.11 -9.92
N LEU A 108 -8.26 21.81 -8.72
CA LEU A 108 -7.86 22.56 -7.55
C LEU A 108 -6.70 21.85 -6.84
N VAL A 109 -6.29 22.38 -5.71
CA VAL A 109 -5.14 21.81 -5.00
C VAL A 109 -5.21 20.34 -4.66
N ARG A 110 -4.08 19.67 -4.78
CA ARG A 110 -3.97 18.25 -4.43
C ARG A 110 -2.75 18.05 -3.52
N THR A 111 -2.71 16.92 -2.81
CA THR A 111 -1.59 16.65 -1.93
C THR A 111 -1.29 15.17 -1.80
N LYS A 112 -0.01 14.84 -1.78
CA LYS A 112 0.46 13.47 -1.64
C LYS A 112 0.14 12.96 -0.23
N ARG A 113 -0.18 13.86 0.69
CA ARG A 113 -0.50 13.44 2.05
C ARG A 113 -1.95 12.95 2.17
N ALA A 114 -2.73 13.13 1.10
CA ALA A 114 -4.13 12.65 1.06
C ALA A 114 -4.40 12.46 -0.41
N PRO A 115 -3.80 11.42 -0.99
CA PRO A 115 -3.98 11.15 -2.42
C PRO A 115 -5.39 11.04 -2.96
N SER A 116 -6.34 10.63 -2.12
CA SER A 116 -7.71 10.49 -2.62
C SER A 116 -8.44 11.81 -2.85
N LEU A 117 -7.90 12.90 -2.30
CA LEU A 117 -8.50 14.22 -2.46
C LEU A 117 -8.27 14.79 -3.84
N VAL A 118 -9.33 14.87 -4.64
CA VAL A 118 -9.25 15.43 -5.99
C VAL A 118 -10.38 16.45 -6.12
N PRO A 119 -10.09 17.72 -5.78
CA PRO A 119 -11.15 18.73 -5.90
C PRO A 119 -11.10 19.41 -7.26
N LEU A 120 -12.27 19.76 -7.79
CA LEU A 120 -12.37 20.37 -9.10
C LEU A 120 -13.53 21.34 -9.24
N VAL A 121 -13.40 22.27 -10.18
CA VAL A 121 -14.48 23.18 -10.49
C VAL A 121 -14.82 22.66 -11.88
N VAL A 122 -16.04 22.17 -12.06
CA VAL A 122 -16.44 21.61 -13.35
C VAL A 122 -17.49 22.47 -14.04
N ASP A 123 -17.22 22.80 -15.30
CA ASP A 123 -18.16 23.58 -16.11
C ASP A 123 -18.95 22.54 -16.87
N VAL A 124 -20.27 22.52 -16.70
CA VAL A 124 -21.09 21.54 -17.41
C VAL A 124 -21.59 22.25 -18.67
N LEU A 125 -21.02 21.86 -19.81
CA LEU A 125 -21.35 22.48 -21.08
C LEU A 125 -22.64 22.10 -21.80
N THR A 126 -23.23 20.96 -21.46
CA THR A 126 -24.48 20.56 -22.12
C THR A 126 -25.69 20.77 -21.23
N ASP A 127 -26.83 21.05 -21.85
CA ASP A 127 -28.08 21.24 -21.10
C ASP A 127 -29.19 20.36 -21.66
N ASN A 128 -28.81 19.15 -22.09
CA ASN A 128 -29.77 18.19 -22.59
C ASN A 128 -29.60 16.91 -21.77
N PRO A 129 -30.43 16.72 -20.73
CA PRO A 129 -30.34 15.53 -19.86
C PRO A 129 -30.20 14.21 -20.60
N ASP A 130 -30.72 14.12 -21.81
CA ASP A 130 -30.62 12.89 -22.58
C ASP A 130 -29.21 12.71 -23.10
N ASP A 131 -28.38 13.73 -22.94
CA ASP A 131 -26.99 13.66 -23.38
C ASP A 131 -26.18 13.12 -22.19
N ALA A 132 -26.82 13.08 -21.02
CA ALA A 132 -26.14 12.61 -19.82
C ALA A 132 -25.34 11.35 -20.10
N LYS A 133 -24.05 11.41 -19.83
CA LYS A 133 -23.16 10.27 -20.02
C LYS A 133 -22.72 9.75 -18.64
N PHE A 134 -23.21 8.57 -18.27
CA PHE A 134 -22.87 7.98 -16.99
C PHE A 134 -21.41 7.55 -16.92
N ASN A 135 -20.80 7.67 -15.75
CA ASN A 135 -19.43 7.20 -15.58
C ASN A 135 -19.66 5.82 -14.97
N SER A 136 -18.60 5.17 -14.49
CA SER A 136 -18.73 3.84 -13.91
C SER A 136 -18.79 3.87 -12.39
N GLY A 137 -18.55 5.04 -11.81
CA GLY A 137 -18.54 5.17 -10.36
C GLY A 137 -17.10 5.44 -9.98
N HIS A 138 -16.86 6.13 -8.87
CA HIS A 138 -15.49 6.43 -8.47
C HIS A 138 -15.13 5.60 -7.28
N ALA A 139 -13.84 5.35 -7.12
CA ALA A 139 -13.30 4.87 -5.87
C ALA A 139 -13.29 6.13 -5.04
N GLY A 140 -13.75 6.05 -3.81
CA GLY A 140 -13.88 7.26 -3.01
C GLY A 140 -15.20 7.99 -3.16
N ASN A 141 -15.59 8.64 -2.07
CA ASN A 141 -16.82 9.38 -2.03
C ASN A 141 -16.62 10.70 -2.74
N GLU A 142 -17.72 11.41 -2.95
CA GLU A 142 -17.65 12.69 -3.61
C GLU A 142 -18.70 13.68 -3.09
N PHE A 143 -18.23 14.86 -2.71
CA PHE A 143 -19.09 15.93 -2.25
C PHE A 143 -19.18 16.89 -3.43
N LEU A 144 -20.37 17.45 -3.66
CA LEU A 144 -20.59 18.40 -4.75
C LEU A 144 -21.44 19.56 -4.25
N PHE A 145 -21.27 20.71 -4.89
CA PHE A 145 -21.99 21.93 -4.54
C PHE A 145 -22.24 22.66 -5.87
N VAL A 146 -23.48 23.07 -6.12
CA VAL A 146 -23.82 23.76 -7.35
C VAL A 146 -23.39 25.22 -7.22
N LEU A 147 -22.36 25.56 -7.97
CA LEU A 147 -21.80 26.90 -7.94
C LEU A 147 -22.60 27.89 -8.78
N GLU A 148 -22.99 27.47 -9.97
CA GLU A 148 -23.75 28.33 -10.86
C GLU A 148 -24.73 27.53 -11.66
N GLY A 149 -25.86 28.13 -11.98
CA GLY A 149 -26.84 27.45 -12.81
C GLY A 149 -27.70 26.42 -12.09
N GLU A 150 -28.23 25.50 -12.88
CA GLU A 150 -29.08 24.46 -12.36
C GLU A 150 -28.56 23.17 -12.96
N ILE A 151 -28.45 22.14 -12.12
CA ILE A 151 -27.94 20.84 -12.54
C ILE A 151 -29.01 19.76 -12.57
N HIS A 152 -28.99 18.93 -13.61
CA HIS A 152 -29.92 17.82 -13.69
C HIS A 152 -29.04 16.61 -13.38
N MSE A 153 -29.20 16.03 -12.19
CA MSE A 153 -28.36 14.89 -11.80
C MSE A 153 -29.07 13.55 -11.98
O MSE A 153 -30.29 13.44 -11.80
CB MSE A 153 -27.95 15.06 -10.32
CG MSE A 153 -27.10 13.92 -9.71
SE MSE A 153 -26.80 14.15 -7.77
CE MSE A 153 -25.17 13.12 -7.59
N LYS A 154 -28.30 12.53 -12.36
CA LYS A 154 -28.81 11.17 -12.53
C LYS A 154 -27.84 10.20 -11.85
N TRP A 155 -28.35 9.12 -11.25
CA TRP A 155 -27.44 8.16 -10.61
C TRP A 155 -28.06 6.78 -10.49
N GLY A 156 -27.20 5.79 -10.19
CA GLY A 156 -27.66 4.42 -10.03
C GLY A 156 -27.56 3.63 -11.31
N ASP A 157 -28.65 2.98 -11.68
CA ASP A 157 -28.72 2.18 -12.90
C ASP A 157 -28.94 3.09 -14.10
N LYS A 158 -27.95 3.18 -14.98
CA LYS A 158 -28.06 4.06 -16.14
C LYS A 158 -29.32 3.78 -16.98
N GLU A 159 -29.87 2.58 -16.86
CA GLU A 159 -31.08 2.21 -17.61
C GLU A 159 -32.37 2.58 -16.89
N ASN A 160 -32.27 2.88 -15.60
CA ASN A 160 -33.42 3.27 -14.79
C ASN A 160 -32.83 4.07 -13.62
N PRO A 161 -32.27 5.24 -13.90
CA PRO A 161 -31.65 6.07 -12.87
C PRO A 161 -32.55 6.90 -11.99
N LYS A 162 -32.01 7.26 -10.83
CA LYS A 162 -32.71 8.12 -9.90
C LYS A 162 -32.31 9.47 -10.50
N GLU A 163 -33.12 10.50 -10.30
CA GLU A 163 -32.82 11.80 -10.87
C GLU A 163 -33.23 12.90 -9.92
N ALA A 164 -32.55 14.04 -10.00
CA ALA A 164 -32.88 15.17 -9.15
C ALA A 164 -32.46 16.47 -9.82
N LEU A 165 -33.25 17.51 -9.61
CA LEU A 165 -32.95 18.84 -10.15
C LEU A 165 -32.34 19.61 -9.00
N LEU A 166 -31.13 20.12 -9.22
CA LEU A 166 -30.42 20.86 -8.18
C LEU A 166 -30.15 22.32 -8.54
N PRO A 167 -30.74 23.25 -7.80
CA PRO A 167 -30.51 24.65 -8.10
C PRO A 167 -29.19 25.08 -7.46
N THR A 168 -28.79 26.30 -7.75
CA THR A 168 -27.56 26.86 -7.23
C THR A 168 -27.60 26.81 -5.70
N GLY A 169 -26.45 26.50 -5.10
CA GLY A 169 -26.38 26.43 -3.64
C GLY A 169 -26.71 25.06 -3.06
N ALA A 170 -27.21 24.17 -3.90
CA ALA A 170 -27.55 22.82 -3.45
C ALA A 170 -26.27 22.01 -3.27
N SER A 171 -26.31 21.03 -2.39
CA SER A 171 -25.12 20.20 -2.19
C SER A 171 -25.52 18.74 -2.20
N MSE A 172 -24.59 17.87 -2.54
CA MSE A 172 -24.87 16.45 -2.59
C MSE A 172 -23.66 15.58 -2.26
O MSE A 172 -22.50 15.99 -2.39
CB MSE A 172 -25.41 16.11 -3.99
CG MSE A 172 -24.66 16.76 -5.14
SE MSE A 172 -25.20 18.62 -5.69
CE MSE A 172 -24.86 18.35 -7.58
N PHE A 173 -23.93 14.36 -1.80
CA PHE A 173 -22.89 13.38 -1.48
C PHE A 173 -23.21 12.17 -2.33
N VAL A 174 -22.20 11.63 -3.02
CA VAL A 174 -22.38 10.42 -3.81
C VAL A 174 -21.34 9.41 -3.31
N GLU A 175 -21.82 8.27 -2.83
CA GLU A 175 -20.97 7.22 -2.28
C GLU A 175 -20.06 6.60 -3.33
N GLU A 176 -18.91 6.12 -2.90
CA GLU A 176 -17.97 5.49 -3.83
C GLU A 176 -18.62 4.39 -4.66
N HIS A 177 -18.21 4.30 -5.91
CA HIS A 177 -18.70 3.29 -6.84
C HIS A 177 -20.12 3.51 -7.39
N VAL A 178 -20.86 4.47 -6.85
CA VAL A 178 -22.21 4.74 -7.36
C VAL A 178 -22.08 5.47 -8.71
N PRO A 179 -22.58 4.86 -9.80
CA PRO A 179 -22.47 5.55 -11.08
C PRO A 179 -23.38 6.77 -11.11
N HIS A 180 -22.93 7.82 -11.79
CA HIS A 180 -23.71 9.06 -11.87
C HIS A 180 -23.34 9.89 -13.09
N ALA A 181 -24.22 10.82 -13.45
CA ALA A 181 -23.99 11.73 -14.58
C ALA A 181 -24.55 13.14 -14.31
N PHE A 182 -23.99 14.15 -14.98
CA PHE A 182 -24.43 15.54 -14.79
C PHE A 182 -24.64 16.35 -16.08
N THR A 183 -25.63 17.24 -16.05
CA THR A 183 -25.92 18.18 -17.13
C THR A 183 -26.63 19.41 -16.55
N ALA A 184 -26.63 20.52 -17.29
CA ALA A 184 -27.42 21.68 -16.92
C ALA A 184 -28.89 21.34 -17.10
N ALA A 185 -29.76 21.99 -16.33
CA ALA A 185 -31.18 21.68 -16.39
C ALA A 185 -31.63 21.93 -17.83
N LYS A 186 -32.55 21.10 -18.31
CA LYS A 186 -33.00 21.21 -19.69
C LYS A 186 -33.13 22.63 -20.21
N GLY A 187 -32.41 22.92 -21.28
CA GLY A 187 -32.46 24.24 -21.89
C GLY A 187 -31.90 25.42 -21.12
N THR A 188 -31.31 25.18 -19.95
CA THR A 188 -30.75 26.29 -19.16
C THR A 188 -29.34 26.65 -19.62
N GLY A 189 -28.87 25.99 -20.69
CA GLY A 189 -27.55 26.29 -21.21
C GLY A 189 -26.33 25.66 -20.54
N SER A 190 -25.95 26.18 -19.38
CA SER A 190 -24.79 25.65 -18.68
C SER A 190 -24.80 25.91 -17.18
N ALA A 191 -24.05 25.10 -16.46
CA ALA A 191 -23.97 25.25 -15.03
C ALA A 191 -22.55 24.96 -14.55
N LYS A 192 -22.29 25.23 -13.29
CA LYS A 192 -20.97 25.02 -12.73
C LYS A 192 -21.05 24.33 -11.38
N LEU A 193 -20.14 23.36 -11.16
CA LEU A 193 -20.08 22.58 -9.93
C LEU A 193 -18.70 22.56 -9.31
N ILE A 194 -18.64 22.49 -7.98
CA ILE A 194 -17.35 22.27 -7.34
C ILE A 194 -17.52 20.83 -6.87
N ALA A 195 -16.67 19.93 -7.36
CA ALA A 195 -16.73 18.52 -7.00
C ALA A 195 -15.49 18.16 -6.21
N VAL A 196 -15.69 17.59 -5.02
CA VAL A 196 -14.59 17.20 -4.16
C VAL A 196 -14.56 15.71 -3.88
N ASN A 197 -13.72 14.98 -4.60
CA ASN A 197 -13.55 13.54 -4.37
C ASN A 197 -12.66 13.41 -3.15
N PHE A 198 -12.97 12.46 -2.26
CA PHE A 198 -12.15 12.28 -1.06
C PHE A 198 -12.13 10.84 -0.55
N THR B 6 1.20 -10.58 -13.61
CA THR B 6 0.01 -9.91 -13.02
C THR B 6 0.42 -8.68 -12.20
N ALA B 7 1.72 -8.48 -12.03
CA ALA B 7 2.17 -7.27 -11.35
C ALA B 7 1.85 -6.20 -12.41
N SER B 8 2.18 -6.52 -13.65
CA SER B 8 1.94 -5.63 -14.77
C SER B 8 0.46 -5.50 -15.10
N THR B 9 -0.31 -6.55 -14.89
CA THR B 9 -1.73 -6.49 -15.16
C THR B 9 -2.42 -5.60 -14.13
N GLY B 10 -2.08 -5.80 -12.86
CA GLY B 10 -2.66 -4.99 -11.81
C GLY B 10 -2.24 -3.54 -12.00
N PHE B 11 -0.98 -3.31 -12.32
CA PHE B 11 -0.49 -1.94 -12.54
C PHE B 11 -1.29 -1.30 -13.67
N ALA B 12 -1.45 -2.05 -14.77
CA ALA B 12 -2.21 -1.59 -15.93
C ALA B 12 -3.57 -1.07 -15.50
N GLU B 13 -4.27 -1.85 -14.68
CA GLU B 13 -5.59 -1.48 -14.22
C GLU B 13 -5.59 -0.32 -13.24
N LEU B 14 -4.76 -0.39 -12.21
CA LEU B 14 -4.71 0.69 -11.23
C LEU B 14 -4.19 2.01 -11.84
N LEU B 15 -3.28 1.92 -12.81
CA LEU B 15 -2.76 3.13 -13.45
C LEU B 15 -3.89 3.85 -14.18
N LYS B 16 -4.69 3.09 -14.94
CA LYS B 16 -5.79 3.69 -15.67
C LYS B 16 -6.77 4.33 -14.70
N ASP B 17 -7.11 3.61 -13.64
CA ASP B 17 -8.03 4.12 -12.63
C ASP B 17 -7.52 5.44 -12.04
N ARG B 18 -6.28 5.45 -11.58
CA ARG B 18 -5.75 6.68 -11.00
C ARG B 18 -5.70 7.81 -11.99
N ARG B 19 -5.24 7.52 -13.20
CA ARG B 19 -5.16 8.55 -14.21
C ARG B 19 -6.54 9.16 -14.43
N GLU B 20 -7.55 8.28 -14.45
CA GLU B 20 -8.90 8.75 -14.64
C GLU B 20 -9.37 9.55 -13.44
N GLN B 21 -8.95 9.15 -12.24
CA GLN B 21 -9.36 9.89 -11.05
C GLN B 21 -8.91 11.35 -11.08
N VAL B 22 -7.73 11.60 -11.64
CA VAL B 22 -7.24 12.98 -11.70
C VAL B 22 -7.58 13.65 -13.03
N LYS B 23 -8.54 13.06 -13.75
CA LYS B 23 -9.02 13.55 -15.02
C LYS B 23 -7.97 13.80 -16.09
N MSE B 24 -6.97 12.92 -16.18
CA MSE B 24 -5.94 13.05 -17.18
C MSE B 24 -6.17 12.05 -18.30
O MSE B 24 -6.68 10.95 -18.08
CB MSE B 24 -4.56 12.76 -16.59
CG MSE B 24 -4.04 13.74 -15.57
SE MSE B 24 -2.18 13.28 -15.19
CE MSE B 24 -1.95 14.49 -13.68
N ASP B 25 -5.79 12.42 -19.52
CA ASP B 25 -5.91 11.50 -20.63
C ASP B 25 -4.50 11.02 -20.90
N HIS B 26 -4.33 10.08 -21.83
CA HIS B 26 -3.00 9.57 -22.13
C HIS B 26 -1.98 10.67 -22.46
N ALA B 27 -2.37 11.63 -23.29
CA ALA B 27 -1.45 12.71 -23.67
C ALA B 27 -1.02 13.56 -22.47
N ALA B 28 -1.98 13.88 -21.59
CA ALA B 28 -1.67 14.69 -20.43
C ALA B 28 -0.61 14.00 -19.57
N LEU B 29 -0.87 12.75 -19.21
CA LEU B 29 0.07 12.00 -18.38
C LEU B 29 1.42 11.80 -19.07
N ALA B 30 1.41 11.42 -20.34
CA ALA B 30 2.65 11.18 -21.07
C ALA B 30 3.59 12.40 -21.06
N SER B 31 2.99 13.59 -21.19
CA SER B 31 3.75 14.85 -21.21
C SER B 31 4.57 15.02 -19.95
N LEU B 32 3.89 14.95 -18.82
CA LEU B 32 4.53 15.10 -17.51
C LEU B 32 5.63 14.08 -17.30
N LEU B 33 5.53 12.95 -17.98
CA LEU B 33 6.53 11.90 -17.84
C LEU B 33 7.58 11.95 -18.91
N GLY B 34 7.39 12.79 -19.92
CA GLY B 34 8.37 12.85 -20.98
C GLY B 34 8.26 11.61 -21.86
N GLU B 35 7.05 11.05 -21.96
CA GLU B 35 6.81 9.86 -22.79
C GLU B 35 5.73 10.20 -23.83
N THR B 36 5.52 9.31 -24.80
CA THR B 36 4.47 9.52 -25.82
C THR B 36 3.18 8.92 -25.28
N PRO B 37 2.03 9.38 -25.77
CA PRO B 37 0.76 8.82 -25.27
C PRO B 37 0.59 7.34 -25.57
N GLU B 38 1.25 6.86 -26.62
CA GLU B 38 1.18 5.45 -27.00
C GLU B 38 1.89 4.60 -25.93
N THR B 39 3.01 5.11 -25.42
CA THR B 39 3.74 4.37 -24.40
C THR B 39 2.87 4.21 -23.16
N VAL B 40 2.13 5.25 -22.81
CA VAL B 40 1.26 5.20 -21.65
C VAL B 40 0.09 4.26 -21.91
N ALA B 41 -0.41 4.25 -23.14
CA ALA B 41 -1.49 3.35 -23.51
C ALA B 41 -0.98 1.92 -23.37
N ALA B 42 0.27 1.69 -23.77
CA ALA B 42 0.87 0.37 -23.67
C ALA B 42 0.94 -0.12 -22.21
N TRP B 43 1.23 0.79 -21.29
CA TRP B 43 1.32 0.43 -19.88
C TRP B 43 -0.05 -0.04 -19.41
N GLU B 44 -1.08 0.69 -19.83
CA GLU B 44 -2.44 0.36 -19.44
C GLU B 44 -2.93 -0.87 -20.19
N ASN B 45 -2.13 -1.33 -21.14
CA ASN B 45 -2.49 -2.53 -21.88
C ASN B 45 -1.62 -3.66 -21.32
N GLY B 46 -1.12 -3.47 -20.10
CA GLY B 46 -0.30 -4.47 -19.45
C GLY B 46 1.13 -4.60 -19.90
N GLU B 47 1.63 -3.61 -20.62
CA GLU B 47 3.00 -3.68 -21.10
C GLU B 47 4.00 -2.90 -20.23
N GLY B 48 3.67 -2.74 -18.94
CA GLY B 48 4.57 -2.00 -18.07
C GLY B 48 5.58 -2.82 -17.28
N GLY B 49 5.64 -4.12 -17.54
CA GLY B 49 6.55 -4.99 -16.80
C GLY B 49 8.00 -4.60 -16.62
N GLU B 50 8.59 -3.89 -17.58
CA GLU B 50 10.00 -3.52 -17.48
C GLU B 50 10.28 -2.12 -16.88
N LEU B 51 9.22 -1.44 -16.44
CA LEU B 51 9.40 -0.13 -15.83
C LEU B 51 10.23 -0.34 -14.56
N THR B 52 11.20 0.54 -14.31
CA THR B 52 12.02 0.39 -13.10
C THR B 52 11.35 0.98 -11.85
N LEU B 53 11.88 0.60 -10.69
CA LEU B 53 11.40 1.13 -9.42
C LEU B 53 11.44 2.67 -9.48
N THR B 54 12.51 3.22 -10.03
CA THR B 54 12.66 4.66 -10.16
C THR B 54 11.56 5.28 -11.03
N GLN B 55 11.31 4.68 -12.19
CA GLN B 55 10.26 5.18 -13.07
C GLN B 55 8.88 5.08 -12.42
N LEU B 56 8.64 4.00 -11.65
CA LEU B 56 7.36 3.82 -10.98
C LEU B 56 7.23 4.95 -9.98
N GLY B 57 8.35 5.33 -9.38
CA GLY B 57 8.34 6.42 -8.42
C GLY B 57 7.93 7.73 -9.07
N ARG B 58 8.42 7.99 -10.28
CA ARG B 58 8.07 9.22 -10.98
C ARG B 58 6.59 9.17 -11.41
N ILE B 59 6.13 8.02 -11.88
CA ILE B 59 4.74 7.91 -12.28
C ILE B 59 3.83 8.17 -11.08
N ALA B 60 4.13 7.58 -9.93
CA ALA B 60 3.31 7.82 -8.72
C ALA B 60 3.36 9.30 -8.34
N HIS B 61 4.57 9.87 -8.39
CA HIS B 61 4.73 11.29 -8.04
C HIS B 61 3.79 12.18 -8.86
N VAL B 62 3.90 12.04 -10.17
CA VAL B 62 3.08 12.81 -11.11
C VAL B 62 1.57 12.57 -10.86
N LEU B 63 1.22 11.38 -10.41
CA LEU B 63 -0.17 11.06 -10.11
C LEU B 63 -0.55 11.39 -8.66
N GLY B 64 0.37 12.05 -7.96
CA GLY B 64 0.16 12.46 -6.58
C GLY B 64 -0.18 11.33 -5.62
N THR B 65 0.41 10.17 -5.83
CA THR B 65 0.10 9.03 -4.98
C THR B 65 1.34 8.13 -4.77
N SER B 66 1.14 6.93 -4.25
CA SER B 66 2.26 6.03 -3.99
C SER B 66 2.37 4.90 -5.00
N ILE B 67 3.53 4.24 -5.04
CA ILE B 67 3.68 3.11 -5.95
C ILE B 67 2.69 2.04 -5.51
N GLY B 68 2.48 1.95 -4.20
CA GLY B 68 1.57 0.97 -3.64
C GLY B 68 0.16 1.12 -4.14
N ALA B 69 -0.29 2.36 -4.29
CA ALA B 69 -1.64 2.63 -4.78
C ALA B 69 -1.77 2.23 -6.25
N LEU B 70 -0.66 2.01 -6.93
CA LEU B 70 -0.71 1.63 -8.34
C LEU B 70 -0.34 0.16 -8.60
N THR B 71 -0.16 -0.61 -7.52
CA THR B 71 0.21 -2.02 -7.65
C THR B 71 -0.82 -2.85 -6.90
N PRO B 72 -1.09 -4.07 -7.38
CA PRO B 72 -2.09 -4.93 -6.72
C PRO B 72 -1.76 -5.47 -5.35
N PRO B 73 -2.78 -6.01 -4.66
CA PRO B 73 -2.54 -6.57 -3.33
C PRO B 73 -1.66 -7.82 -3.45
N ALA B 74 -1.21 -8.33 -2.31
CA ALA B 74 -0.32 -9.48 -2.29
C ALA B 74 -0.76 -10.70 -3.10
N GLY B 75 -2.04 -11.03 -3.07
CA GLY B 75 -2.46 -12.20 -3.82
C GLY B 75 -3.12 -13.23 -2.92
N ASN B 76 -3.72 -14.26 -3.52
CA ASN B 76 -4.42 -15.28 -2.75
C ASN B 76 -3.79 -16.64 -2.94
N ASP B 77 -3.15 -17.14 -1.88
CA ASP B 77 -2.49 -18.43 -1.93
C ASP B 77 -3.24 -19.47 -1.11
N LEU B 78 -4.54 -19.26 -0.93
CA LEU B 78 -5.34 -20.18 -0.13
C LEU B 78 -6.10 -21.20 -0.97
N ASP B 79 -6.49 -22.30 -0.32
CA ASP B 79 -7.26 -23.37 -0.94
C ASP B 79 -8.62 -23.28 -0.25
N ASP B 80 -9.57 -22.61 -0.90
CA ASP B 80 -10.89 -22.41 -0.31
C ASP B 80 -10.82 -21.75 1.06
N GLY B 81 -9.91 -20.79 1.20
CA GLY B 81 -9.81 -20.07 2.46
C GLY B 81 -8.83 -20.63 3.47
N VAL B 82 -8.12 -21.70 3.11
CA VAL B 82 -7.18 -22.31 4.04
C VAL B 82 -5.80 -22.64 3.46
N ILE B 83 -4.78 -22.55 4.31
CA ILE B 83 -3.46 -22.94 3.89
C ILE B 83 -2.89 -23.68 5.08
N ILE B 84 -2.31 -24.86 4.86
CA ILE B 84 -1.74 -25.64 5.94
C ILE B 84 -0.29 -25.91 5.65
N GLN B 85 0.46 -26.24 6.70
CA GLN B 85 1.88 -26.53 6.58
C GLN B 85 2.19 -27.71 7.48
N MSE B 86 2.77 -28.76 6.89
CA MSE B 86 3.15 -29.96 7.60
C MSE B 86 4.48 -29.70 8.30
O MSE B 86 5.27 -28.90 7.84
CB MSE B 86 3.31 -31.11 6.62
CG MSE B 86 2.06 -31.41 5.81
SE MSE B 86 0.63 -32.08 6.91
CE MSE B 86 1.27 -33.87 7.15
N PRO B 87 4.74 -30.39 9.42
CA PRO B 87 6.01 -30.16 10.11
C PRO B 87 7.15 -30.78 9.31
N ASP B 88 8.35 -30.20 9.46
CA ASP B 88 9.52 -30.70 8.74
C ASP B 88 9.64 -30.10 7.33
N GLU B 89 8.73 -29.17 7.01
CA GLU B 89 8.78 -28.49 5.73
C GLU B 89 8.75 -27.00 6.08
N ARG B 90 8.99 -26.74 7.36
CA ARG B 90 9.01 -25.38 7.91
C ARG B 90 10.42 -24.78 7.82
N PRO B 91 10.52 -23.51 7.42
CA PRO B 91 11.83 -22.85 7.32
C PRO B 91 12.56 -22.87 8.68
N ILE B 92 13.89 -22.83 8.64
CA ILE B 92 14.68 -22.83 9.87
C ILE B 92 15.94 -21.98 9.69
N LEU B 93 16.01 -20.88 10.43
CA LEU B 93 17.15 -19.96 10.35
C LEU B 93 17.71 -19.66 11.75
N LYS B 94 19.03 -19.50 11.83
CA LYS B 94 19.68 -19.22 13.11
C LYS B 94 19.58 -17.75 13.49
N GLY B 95 19.33 -17.50 14.78
CA GLY B 95 19.22 -16.14 15.27
C GLY B 95 20.49 -15.76 16.00
N VAL B 96 21.39 -15.06 15.31
CA VAL B 96 22.66 -14.64 15.89
C VAL B 96 22.68 -13.19 16.35
N ARG B 97 23.00 -12.99 17.62
CA ARG B 97 23.07 -11.65 18.22
C ARG B 97 24.41 -11.48 18.91
N ASP B 98 25.23 -10.57 18.39
CA ASP B 98 26.55 -10.32 18.97
C ASP B 98 27.42 -11.57 18.88
N ASN B 99 27.27 -12.31 17.78
CA ASN B 99 28.04 -13.54 17.55
C ASN B 99 27.75 -14.61 18.60
N VAL B 100 26.47 -14.93 18.75
CA VAL B 100 26.02 -15.94 19.71
C VAL B 100 24.72 -16.54 19.18
N ASP B 101 24.66 -17.88 19.06
CA ASP B 101 23.46 -18.54 18.58
C ASP B 101 22.37 -18.48 19.65
N TYR B 102 21.69 -17.34 19.69
CA TYR B 102 20.64 -17.06 20.66
C TYR B 102 19.37 -17.87 20.42
N TYR B 103 18.78 -17.71 19.24
CA TYR B 103 17.54 -18.41 18.91
C TYR B 103 17.65 -19.29 17.67
N VAL B 104 16.70 -20.20 17.53
CA VAL B 104 16.61 -21.05 16.33
C VAL B 104 15.16 -20.88 15.88
N TYR B 105 14.98 -20.15 14.79
CA TYR B 105 13.65 -19.89 14.24
C TYR B 105 13.13 -20.94 13.28
N ASN B 106 12.06 -21.63 13.68
CA ASN B 106 11.43 -22.64 12.85
C ASN B 106 10.09 -22.04 12.38
N CYS B 107 10.06 -21.62 11.12
CA CYS B 107 8.90 -20.96 10.54
C CYS B 107 7.66 -21.80 10.30
N LEU B 108 6.53 -21.33 10.80
CA LEU B 108 5.28 -22.04 10.60
C LEU B 108 4.57 -21.40 9.40
N VAL B 109 3.35 -21.83 9.13
CA VAL B 109 2.58 -21.36 7.99
C VAL B 109 2.39 -19.85 7.88
N ARG B 110 2.46 -19.35 6.64
CA ARG B 110 2.26 -17.94 6.34
C ARG B 110 1.33 -17.83 5.12
N THR B 111 0.77 -16.64 4.89
CA THR B 111 -0.13 -16.43 3.78
C THR B 111 -0.14 -15.00 3.30
N LYS B 112 -0.18 -14.82 1.99
CA LYS B 112 -0.22 -13.51 1.38
C LYS B 112 -1.56 -12.82 1.68
N ARG B 113 -2.55 -13.57 2.16
CA ARG B 113 -3.83 -12.97 2.50
C ARG B 113 -3.76 -12.27 3.85
N ALA B 114 -2.68 -12.50 4.60
CA ALA B 114 -2.47 -11.83 5.90
C ALA B 114 -0.96 -11.73 6.09
N PRO B 115 -0.31 -10.91 5.27
CA PRO B 115 1.14 -10.69 5.30
C PRO B 115 1.79 -10.47 6.66
N SER B 116 1.12 -9.80 7.59
CA SER B 116 1.77 -9.55 8.89
C SER B 116 1.83 -10.78 9.80
N LEU B 117 1.15 -11.86 9.41
CA LEU B 117 1.20 -13.06 10.23
C LEU B 117 2.49 -13.82 10.01
N VAL B 118 3.31 -13.89 11.07
CA VAL B 118 4.57 -14.63 11.01
C VAL B 118 4.68 -15.49 12.28
N PRO B 119 4.16 -16.72 12.23
CA PRO B 119 4.19 -17.64 13.37
C PRO B 119 5.47 -18.48 13.32
N LEU B 120 6.03 -18.77 14.48
CA LEU B 120 7.28 -19.48 14.56
C LEU B 120 7.35 -20.29 15.85
N VAL B 121 8.18 -21.33 15.83
CA VAL B 121 8.45 -22.13 17.01
C VAL B 121 9.89 -21.71 17.24
N VAL B 122 10.16 -21.12 18.40
CA VAL B 122 11.51 -20.67 18.66
C VAL B 122 12.21 -21.50 19.73
N ASP B 123 13.38 -21.99 19.38
CA ASP B 123 14.19 -22.76 20.32
C ASP B 123 15.04 -21.71 21.02
N VAL B 124 14.84 -21.58 22.32
CA VAL B 124 15.60 -20.61 23.10
C VAL B 124 16.80 -21.40 23.63
N LEU B 125 17.95 -21.15 23.01
CA LEU B 125 19.17 -21.87 23.31
C LEU B 125 19.98 -21.59 24.58
N THR B 126 20.13 -20.33 24.96
CA THR B 126 20.91 -20.01 26.17
C THR B 126 20.06 -20.01 27.43
N ASP B 127 20.65 -20.38 28.56
CA ASP B 127 19.91 -20.40 29.81
C ASP B 127 20.55 -19.55 30.91
N ASN B 128 21.12 -18.41 30.51
CA ASN B 128 21.69 -17.50 31.48
C ASN B 128 21.07 -16.12 31.28
N PRO B 129 20.07 -15.80 32.10
CA PRO B 129 19.39 -14.50 32.02
C PRO B 129 20.37 -13.33 31.94
N ASP B 130 21.46 -13.42 32.67
CA ASP B 130 22.47 -12.36 32.69
C ASP B 130 22.99 -12.03 31.31
N ASP B 131 22.97 -13.00 30.40
CA ASP B 131 23.46 -12.77 29.06
C ASP B 131 22.34 -12.57 28.03
N ALA B 132 21.19 -12.10 28.49
CA ALA B 132 20.05 -11.89 27.60
C ALA B 132 20.35 -10.80 26.59
N LYS B 133 19.92 -11.00 25.35
CA LYS B 133 20.15 -10.04 24.29
C LYS B 133 18.82 -9.49 23.81
N PHE B 134 18.64 -8.18 23.95
CA PHE B 134 17.42 -7.50 23.54
C PHE B 134 17.35 -7.18 22.07
N ASN B 135 16.15 -7.23 21.52
CA ASN B 135 15.95 -6.80 20.15
C ASN B 135 15.46 -5.39 20.45
N SER B 136 15.34 -4.52 19.46
CA SER B 136 14.90 -3.17 19.77
C SER B 136 13.41 -3.01 19.55
N GLY B 137 12.70 -4.11 19.68
CA GLY B 137 11.26 -4.08 19.47
C GLY B 137 10.98 -4.07 17.98
N HIS B 138 9.89 -4.70 17.58
CA HIS B 138 9.55 -4.73 16.18
C HIS B 138 8.13 -4.23 15.95
N ALA B 139 7.85 -3.89 14.69
CA ALA B 139 6.53 -3.41 14.31
C ALA B 139 5.58 -4.59 14.49
N GLY B 140 4.32 -4.30 14.80
CA GLY B 140 3.36 -5.38 14.97
C GLY B 140 3.37 -6.04 16.32
N ASN B 141 2.20 -6.51 16.73
CA ASN B 141 2.03 -7.18 18.00
C ASN B 141 2.51 -8.61 17.94
N GLU B 142 2.80 -9.18 19.10
CA GLU B 142 3.28 -10.54 19.16
C GLU B 142 2.67 -11.29 20.31
N PHE B 143 2.13 -12.46 20.02
CA PHE B 143 1.55 -13.35 21.01
C PHE B 143 2.54 -14.50 21.17
N LEU B 144 2.78 -14.90 22.43
CA LEU B 144 3.71 -15.99 22.68
C LEU B 144 3.12 -17.00 23.63
N PHE B 145 3.58 -18.24 23.50
CA PHE B 145 3.14 -19.37 24.32
C PHE B 145 4.39 -20.22 24.61
N VAL B 146 4.60 -20.59 25.87
CA VAL B 146 5.76 -21.41 26.26
C VAL B 146 5.42 -22.87 26.02
N LEU B 147 6.00 -23.44 24.97
CA LEU B 147 5.76 -24.82 24.57
C LEU B 147 6.45 -25.83 25.45
N GLU B 148 7.73 -25.60 25.70
CA GLU B 148 8.53 -26.49 26.52
C GLU B 148 9.47 -25.71 27.43
N GLY B 149 9.80 -26.31 28.58
CA GLY B 149 10.71 -25.70 29.53
C GLY B 149 10.16 -24.51 30.27
N GLU B 150 11.06 -23.66 30.75
CA GLU B 150 10.69 -22.46 31.46
C GLU B 150 11.45 -21.30 30.87
N ILE B 151 10.72 -20.21 30.60
CA ILE B 151 11.30 -19.02 29.98
C ILE B 151 11.51 -17.87 30.95
N HIS B 152 12.62 -17.16 30.79
CA HIS B 152 12.92 -15.99 31.62
C HIS B 152 12.84 -14.86 30.60
N MSE B 153 11.79 -14.05 30.68
CA MSE B 153 11.60 -12.95 29.73
C MSE B 153 11.99 -11.62 30.32
O MSE B 153 11.85 -11.40 31.51
CB MSE B 153 10.13 -12.93 29.30
CG MSE B 153 9.62 -11.63 28.71
SE MSE B 153 7.69 -11.80 28.33
CE MSE B 153 7.56 -10.64 26.80
N LYS B 154 12.48 -10.71 29.47
CA LYS B 154 12.82 -9.36 29.91
C LYS B 154 12.27 -8.36 28.90
N TRP B 155 11.73 -7.25 29.38
CA TRP B 155 11.20 -6.29 28.42
C TRP B 155 11.29 -4.86 28.91
N GLY B 156 11.07 -3.93 28.00
CA GLY B 156 11.13 -2.53 28.36
C GLY B 156 12.54 -1.97 28.30
N ASP B 157 12.90 -1.15 29.27
CA ASP B 157 14.23 -0.54 29.34
C ASP B 157 15.25 -1.63 29.63
N LYS B 158 16.07 -1.99 28.64
CA LYS B 158 17.05 -3.04 28.87
C LYS B 158 18.05 -2.78 29.99
N GLU B 159 18.14 -1.53 30.45
CA GLU B 159 19.05 -1.21 31.54
C GLU B 159 18.40 -1.44 32.91
N ASN B 160 17.06 -1.48 32.91
CA ASN B 160 16.27 -1.69 34.13
C ASN B 160 14.94 -2.25 33.62
N PRO B 161 14.98 -3.46 33.05
CA PRO B 161 13.81 -4.15 32.49
C PRO B 161 12.82 -4.78 33.43
N LYS B 162 11.63 -5.03 32.90
CA LYS B 162 10.58 -5.71 33.63
C LYS B 162 10.93 -7.15 33.29
N GLU B 163 10.63 -8.09 34.19
CA GLU B 163 10.97 -9.49 33.95
C GLU B 163 9.89 -10.42 34.42
N ALA B 164 9.90 -11.64 33.90
CA ALA B 164 8.95 -12.66 34.32
C ALA B 164 9.50 -14.05 34.06
N LEU B 165 9.26 -14.95 35.01
CA LEU B 165 9.68 -16.36 34.88
C LEU B 165 8.39 -17.00 34.39
N LEU B 166 8.44 -17.64 33.23
CA LEU B 166 7.25 -18.22 32.64
C LEU B 166 7.36 -19.72 32.38
N PRO B 167 6.59 -20.52 33.13
CA PRO B 167 6.56 -21.98 33.01
C PRO B 167 5.84 -22.39 31.73
N THR B 168 5.93 -23.67 31.38
CA THR B 168 5.28 -24.18 30.19
C THR B 168 3.77 -23.94 30.30
N GLY B 169 3.16 -23.54 29.19
CA GLY B 169 1.75 -23.27 29.20
C GLY B 169 1.46 -21.79 29.41
N ALA B 170 2.46 -21.02 29.83
CA ALA B 170 2.26 -19.59 30.05
C ALA B 170 2.07 -18.89 28.70
N SER B 171 1.32 -17.81 28.68
CA SER B 171 1.14 -17.06 27.44
C SER B 171 1.43 -15.58 27.66
N MSE B 172 1.85 -14.90 26.61
CA MSE B 172 2.18 -13.49 26.73
C MSE B 172 1.82 -12.68 25.49
O MSE B 172 1.71 -13.21 24.37
CB MSE B 172 3.69 -13.34 27.00
CG MSE B 172 4.26 -14.30 28.02
SE MSE B 172 4.75 -16.06 27.30
CE MSE B 172 6.55 -15.60 26.75
N PHE B 173 1.62 -11.39 25.68
CA PHE B 173 1.35 -10.49 24.58
C PHE B 173 2.37 -9.37 24.70
N VAL B 174 3.04 -9.06 23.59
CA VAL B 174 4.03 -7.99 23.57
C VAL B 174 3.61 -6.99 22.49
N GLU B 175 3.34 -5.76 22.90
CA GLU B 175 2.90 -4.69 22.00
C GLU B 175 3.98 -4.25 21.02
N GLU B 176 3.56 -3.72 19.87
CA GLU B 176 4.51 -3.36 18.84
C GLU B 176 5.46 -2.29 19.35
N HIS B 177 6.74 -2.45 19.03
CA HIS B 177 7.77 -1.48 19.41
C HIS B 177 8.28 -1.64 20.84
N VAL B 178 7.85 -2.70 21.54
CA VAL B 178 8.37 -2.90 22.90
C VAL B 178 9.60 -3.81 22.86
N PRO B 179 10.78 -3.32 23.31
CA PRO B 179 11.97 -4.18 23.28
C PRO B 179 11.84 -5.37 24.23
N HIS B 180 12.32 -6.53 23.80
CA HIS B 180 12.24 -7.72 24.65
C HIS B 180 13.35 -8.74 24.34
N ALA B 181 13.55 -9.64 25.29
CA ALA B 181 14.57 -10.68 25.20
C ALA B 181 14.14 -11.92 25.97
N PHE B 182 14.61 -13.09 25.56
CA PHE B 182 14.24 -14.33 26.23
C PHE B 182 15.45 -15.26 26.33
N THR B 183 15.48 -16.05 27.40
CA THR B 183 16.49 -17.08 27.58
C THR B 183 15.74 -18.11 28.39
N ALA B 184 16.27 -19.31 28.54
CA ALA B 184 15.59 -20.30 29.35
C ALA B 184 15.89 -19.88 30.78
N ALA B 185 15.11 -20.37 31.74
CA ALA B 185 15.34 -20.03 33.14
C ALA B 185 16.76 -20.47 33.52
N LYS B 186 17.38 -19.72 34.41
CA LYS B 186 18.75 -19.99 34.86
C LYS B 186 19.04 -21.47 35.05
N GLY B 187 20.01 -21.98 34.30
CA GLY B 187 20.39 -23.38 34.40
C GLY B 187 19.45 -24.47 33.92
N THR B 188 18.37 -24.13 33.22
CA THR B 188 17.45 -25.19 32.75
C THR B 188 17.82 -25.67 31.35
N GLY B 189 18.97 -25.22 30.86
CA GLY B 189 19.42 -25.65 29.54
C GLY B 189 18.78 -24.96 28.35
N SER B 190 17.53 -25.28 28.06
CA SER B 190 16.86 -24.67 26.93
C SER B 190 15.35 -24.71 27.06
N ALA B 191 14.68 -23.94 26.21
CA ALA B 191 13.23 -23.89 26.24
C ALA B 191 12.70 -23.62 24.84
N LYS B 192 11.38 -23.66 24.70
CA LYS B 192 10.77 -23.48 23.40
C LYS B 192 9.50 -22.66 23.49
N LEU B 193 9.35 -21.74 22.55
CA LEU B 193 8.22 -20.84 22.47
C LEU B 193 7.52 -20.95 21.13
N ILE B 194 6.23 -20.63 21.11
CA ILE B 194 5.50 -20.50 19.85
C ILE B 194 5.34 -18.98 19.88
N ALA B 195 5.81 -18.30 18.84
CA ALA B 195 5.71 -16.85 18.78
C ALA B 195 4.89 -16.52 17.54
N VAL B 196 3.83 -15.75 17.72
CA VAL B 196 2.96 -15.39 16.61
C VAL B 196 2.94 -13.88 16.41
N ASN B 197 3.65 -13.42 15.40
CA ASN B 197 3.68 -12.01 15.07
C ASN B 197 2.42 -11.78 14.28
N PHE B 198 1.72 -10.68 14.53
CA PHE B 198 0.52 -10.39 13.77
C PHE B 198 0.27 -8.89 13.71
C1 TB6 C . -18.68 16.23 -11.55
C2 TB6 C . -17.98 14.88 -11.70
C6 TB6 C . -18.30 14.17 -13.01
P7 TB6 C . -17.36 12.63 -13.01
O10 TB6 C . -18.37 14.01 -10.64
O12 TB6 C . -17.58 11.79 -14.18
O13 TB6 C . -17.64 11.90 -11.71
O14 TB6 C . -15.86 12.98 -12.79
CO CO D . -18.28 12.10 -9.75
C1 TB6 E . 10.70 -14.49 20.65
C2 TB6 E . 10.86 -13.42 19.58
C6 TB6 E . 12.25 -12.80 19.60
P7 TB6 E . 12.43 -11.61 18.25
O10 TB6 E . 9.94 -12.41 19.87
O12 TB6 E . 13.70 -10.94 18.25
O13 TB6 E . 11.25 -10.60 18.24
O14 TB6 E . 12.14 -12.32 16.90
CO CO F . 9.54 -10.51 19.27
#